data_2O1M
#
_entry.id   2O1M
#
_cell.length_a   81.563
_cell.length_b   88.931
_cell.length_c   76.697
_cell.angle_alpha   90.00
_cell.angle_beta   90.00
_cell.angle_gamma   90.00
#
_symmetry.space_group_name_H-M   'P 21 21 2'
#
loop_
_entity.id
_entity.type
_entity.pdbx_description
1 polymer 'Probable amino-acid ABC transporter extracellular-binding protein ytmK'
2 non-polymer 'SULFATE ION'
3 water water
#
_entity_poly.entity_id   1
_entity_poly.type   'polypeptide(L)'
_entity_poly.pdbx_seq_one_letter_code
;(MSE)GAGSQTTGAGQKKVQTITVGTGTQFPNICFIDEKGDLTGYDVELIKELDKRLPHYKFTFKT(MSE)EFSNLLVSL
GQHKVDIVAHQ(MSE)EKSKEREKKFLFNKVAYNHFPLKITVLQNNDTIRGIEDLKGKRVITSATSNGALVLKKWNEDNG
RPFEIAYEGQGANETANQLKSGRADATISTPFAVDFQNKTSTIKEKTVGNVLSNAKVYF(MSE)FNKNEQTLSDDIDKAL
QEIIDDGTLKRLSLKWLGDDYSKEQYLEHHHHHH
;
_entity_poly.pdbx_strand_id   A,B
#
loop_
_chem_comp.id
_chem_comp.type
_chem_comp.name
_chem_comp.formula
SO4 non-polymer 'SULFATE ION' 'O4 S -2'
#
# COMPACT_ATOMS: atom_id res chain seq x y z
N LYS A 14 38.79 -12.44 -25.54
CA LYS A 14 37.67 -13.07 -24.79
C LYS A 14 36.83 -12.02 -24.07
N VAL A 15 36.06 -12.46 -23.07
CA VAL A 15 35.21 -11.55 -22.31
C VAL A 15 36.00 -10.69 -21.33
N GLN A 16 35.69 -9.39 -21.31
CA GLN A 16 36.37 -8.46 -20.41
C GLN A 16 35.44 -8.19 -19.23
N THR A 17 35.96 -8.33 -18.02
CA THR A 17 35.16 -8.09 -16.83
C THR A 17 35.11 -6.60 -16.50
N ILE A 18 33.91 -6.08 -16.28
CA ILE A 18 33.71 -4.67 -15.97
C ILE A 18 33.14 -4.58 -14.56
N THR A 19 33.72 -3.71 -13.75
CA THR A 19 33.25 -3.53 -12.38
C THR A 19 32.33 -2.32 -12.30
N VAL A 20 31.10 -2.55 -11.86
CA VAL A 20 30.12 -1.49 -11.75
C VAL A 20 29.92 -1.05 -10.31
N GLY A 21 30.15 0.24 -10.05
CA GLY A 21 29.96 0.75 -8.72
C GLY A 21 28.56 1.30 -8.61
N THR A 22 27.84 0.90 -7.57
CA THR A 22 26.47 1.39 -7.35
C THR A 22 26.12 1.29 -5.87
N GLY A 23 24.89 1.63 -5.51
CA GLY A 23 24.49 1.58 -4.12
C GLY A 23 23.46 0.51 -3.76
N THR A 24 23.04 0.52 -2.50
CA THR A 24 22.05 -0.44 -2.02
C THR A 24 20.97 0.30 -1.23
N GLN A 25 21.00 1.63 -1.26
CA GLN A 25 20.04 2.43 -0.49
C GLN A 25 19.29 3.49 -1.32
N PHE A 26 18.99 3.17 -2.57
CA PHE A 26 18.29 4.11 -3.45
C PHE A 26 17.05 3.35 -3.97
N PRO A 27 15.93 3.44 -3.24
CA PRO A 27 14.69 2.75 -3.64
C PRO A 27 14.31 2.90 -5.12
N ASN A 28 13.99 1.77 -5.74
CA ASN A 28 13.59 1.71 -7.15
C ASN A 28 14.72 1.93 -8.16
N ILE A 29 15.91 2.25 -7.67
CA ILE A 29 17.09 2.49 -8.52
C ILE A 29 18.19 1.43 -8.27
N CYS A 30 18.62 1.32 -7.02
CA CYS A 30 19.63 0.33 -6.61
C CYS A 30 19.40 0.11 -5.12
N PHE A 31 18.73 -1.00 -4.83
CA PHE A 31 18.39 -1.33 -3.46
C PHE A 31 18.20 -2.83 -3.33
N ILE A 32 18.07 -3.28 -2.09
CA ILE A 32 17.87 -4.69 -1.82
C ILE A 32 16.39 -4.89 -1.49
N ASP A 33 15.72 -5.74 -2.25
CA ASP A 33 14.29 -5.98 -2.00
C ASP A 33 14.11 -7.00 -0.88
N GLU A 34 12.86 -7.22 -0.48
CA GLU A 34 12.54 -8.16 0.58
C GLU A 34 13.09 -9.56 0.31
N LYS A 35 13.11 -9.96 -0.95
CA LYS A 35 13.61 -11.27 -1.33
C LYS A 35 15.09 -11.37 -0.95
N GLY A 36 15.75 -10.23 -0.90
CA GLY A 36 17.16 -10.21 -0.53
C GLY A 36 18.13 -10.02 -1.67
N ASP A 37 17.68 -9.50 -2.81
CA ASP A 37 18.60 -9.28 -3.91
C ASP A 37 18.67 -7.82 -4.38
N LEU A 38 19.84 -7.47 -4.93
CA LEU A 38 20.11 -6.14 -5.44
C LEU A 38 19.31 -5.95 -6.74
N THR A 39 18.48 -4.91 -6.78
CA THR A 39 17.67 -4.64 -7.96
C THR A 39 17.33 -3.16 -8.08
N GLY A 40 16.37 -2.81 -8.93
CA GLY A 40 16.04 -1.41 -9.15
C GLY A 40 16.40 -1.08 -10.59
N TYR A 41 15.91 0.07 -11.07
CA TYR A 41 16.14 0.50 -12.45
C TYR A 41 17.58 0.44 -12.95
N ASP A 42 18.50 1.06 -12.22
CA ASP A 42 19.90 1.09 -12.64
C ASP A 42 20.53 -0.30 -12.68
N VAL A 43 20.28 -1.10 -11.65
CA VAL A 43 20.84 -2.45 -11.59
C VAL A 43 20.28 -3.30 -12.72
N GLU A 44 18.97 -3.25 -12.92
CA GLU A 44 18.37 -4.04 -13.98
C GLU A 44 18.84 -3.57 -15.36
N LEU A 45 19.09 -2.29 -15.52
CA LEU A 45 19.57 -1.80 -16.81
C LEU A 45 20.98 -2.34 -17.06
N ILE A 46 21.81 -2.34 -16.02
CA ILE A 46 23.17 -2.85 -16.15
C ILE A 46 23.11 -4.32 -16.57
N LYS A 47 22.21 -5.08 -15.95
CA LYS A 47 22.06 -6.49 -16.30
C LYS A 47 21.59 -6.65 -17.74
N GLU A 48 20.71 -5.75 -18.20
CA GLU A 48 20.23 -5.81 -19.57
C GLU A 48 21.39 -5.55 -20.53
N LEU A 49 22.21 -4.55 -20.22
CA LEU A 49 23.36 -4.20 -21.06
C LEU A 49 24.30 -5.41 -21.16
N ASP A 50 24.46 -6.12 -20.04
CA ASP A 50 25.33 -7.28 -19.99
C ASP A 50 24.86 -8.29 -21.04
N LYS A 51 23.55 -8.55 -21.07
CA LYS A 51 22.97 -9.48 -22.03
C LYS A 51 23.22 -9.03 -23.47
N ARG A 52 23.24 -7.71 -23.68
CA ARG A 52 23.43 -7.13 -25.00
C ARG A 52 24.88 -7.04 -25.44
N LEU A 53 25.81 -7.21 -24.50
CA LEU A 53 27.23 -7.09 -24.83
C LEU A 53 27.99 -8.38 -24.53
N PRO A 54 28.05 -9.29 -25.52
CA PRO A 54 28.77 -10.57 -25.37
C PRO A 54 30.25 -10.47 -25.00
N HIS A 55 30.90 -9.39 -25.39
CA HIS A 55 32.33 -9.24 -25.08
C HIS A 55 32.62 -8.67 -23.69
N TYR A 56 31.57 -8.39 -22.93
CA TYR A 56 31.74 -7.84 -21.59
C TYR A 56 31.00 -8.67 -20.55
N LYS A 57 31.46 -8.57 -19.31
CA LYS A 57 30.84 -9.26 -18.19
C LYS A 57 30.77 -8.21 -17.09
N PHE A 58 29.55 -7.84 -16.69
CA PHE A 58 29.37 -6.83 -15.66
C PHE A 58 29.23 -7.42 -14.26
N THR A 59 30.09 -6.99 -13.34
CA THR A 59 30.04 -7.45 -11.96
C THR A 59 29.75 -6.21 -11.12
N PHE A 60 29.29 -6.41 -9.90
CA PHE A 60 28.96 -5.29 -9.02
C PHE A 60 29.87 -5.12 -7.82
N LYS A 61 29.97 -3.87 -7.38
CA LYS A 61 30.73 -3.48 -6.21
C LYS A 61 29.89 -2.36 -5.60
N THR A 62 29.27 -2.62 -4.45
CA THR A 62 28.42 -1.62 -3.82
C THR A 62 29.14 -0.86 -2.72
N MSE A 63 28.72 0.38 -2.50
CA MSE A 63 29.38 1.22 -1.51
C MSE A 63 28.54 2.44 -1.20
O MSE A 63 27.58 2.73 -1.90
CB MSE A 63 30.73 1.66 -2.06
CG MSE A 63 30.63 2.40 -3.39
SE MSE A 63 32.36 2.68 -4.22
CE MSE A 63 32.66 0.90 -4.92
N GLU A 64 28.92 3.17 -0.16
CA GLU A 64 28.23 4.39 0.22
C GLU A 64 28.32 5.34 -0.97
N PHE A 65 27.28 6.13 -1.20
CA PHE A 65 27.28 7.06 -2.32
C PHE A 65 28.50 7.98 -2.31
N SER A 66 28.94 8.38 -1.12
CA SER A 66 30.07 9.28 -0.96
C SER A 66 31.42 8.69 -1.38
N ASN A 67 31.45 7.41 -1.74
CA ASN A 67 32.70 6.79 -2.14
C ASN A 67 32.74 6.37 -3.60
N LEU A 68 31.60 6.48 -4.27
CA LEU A 68 31.48 6.10 -5.67
C LEU A 68 32.48 6.80 -6.59
N LEU A 69 32.48 8.12 -6.57
CA LEU A 69 33.37 8.88 -7.45
C LEU A 69 34.86 8.76 -7.13
N VAL A 70 35.20 8.69 -5.84
CA VAL A 70 36.61 8.53 -5.48
C VAL A 70 37.04 7.17 -6.00
N SER A 71 36.15 6.19 -5.85
CA SER A 71 36.42 4.84 -6.30
C SER A 71 36.57 4.79 -7.82
N LEU A 72 35.71 5.51 -8.53
CA LEU A 72 35.78 5.55 -10.00
C LEU A 72 37.09 6.17 -10.45
N GLY A 73 37.48 7.27 -9.79
CA GLY A 73 38.71 7.95 -10.15
C GLY A 73 39.94 7.09 -9.92
N GLN A 74 39.92 6.31 -8.85
CA GLN A 74 41.04 5.42 -8.54
C GLN A 74 40.95 4.15 -9.36
N HIS A 75 39.93 4.08 -10.21
CA HIS A 75 39.73 2.93 -11.08
C HIS A 75 39.39 1.64 -10.31
N LYS A 76 38.83 1.78 -9.10
CA LYS A 76 38.44 0.61 -8.31
C LYS A 76 37.17 0.02 -8.97
N VAL A 77 36.46 0.87 -9.70
CA VAL A 77 35.29 0.46 -10.46
C VAL A 77 35.51 1.10 -11.83
N ASP A 78 34.87 0.57 -12.86
CA ASP A 78 35.04 1.10 -14.20
C ASP A 78 33.92 2.03 -14.60
N ILE A 79 32.74 1.80 -14.02
CA ILE A 79 31.58 2.61 -14.33
C ILE A 79 30.75 2.80 -13.07
N VAL A 80 30.06 3.93 -12.97
CA VAL A 80 29.20 4.20 -11.84
C VAL A 80 27.78 4.33 -12.36
N ALA A 81 26.84 3.67 -11.68
CA ALA A 81 25.44 3.70 -12.04
C ALA A 81 24.66 4.08 -10.78
N HIS A 82 24.24 5.34 -10.71
CA HIS A 82 23.52 5.85 -9.54
C HIS A 82 22.74 7.10 -9.92
N GLN A 83 21.93 7.01 -10.98
CA GLN A 83 21.15 8.13 -11.47
C GLN A 83 22.00 9.41 -11.47
N MSE A 84 23.22 9.30 -12.00
CA MSE A 84 24.15 10.42 -12.01
C MSE A 84 23.89 11.50 -13.06
O MSE A 84 23.49 11.21 -14.19
CB MSE A 84 25.59 9.91 -12.15
CG MSE A 84 26.48 10.36 -11.01
SE MSE A 84 26.00 9.61 -9.29
CE MSE A 84 24.77 10.98 -8.71
N GLU A 85 24.11 12.74 -12.67
CA GLU A 85 23.90 13.88 -13.56
C GLU A 85 25.23 14.56 -13.85
N LYS A 86 25.27 15.30 -14.94
CA LYS A 86 26.48 16.02 -15.34
C LYS A 86 26.68 17.26 -14.48
N SER A 87 27.92 17.73 -14.45
CA SER A 87 28.30 18.94 -13.73
C SER A 87 29.64 19.34 -14.32
N LYS A 88 30.02 20.60 -14.15
CA LYS A 88 31.28 21.08 -14.68
C LYS A 88 32.45 20.32 -14.07
N GLU A 89 32.44 20.19 -12.75
CA GLU A 89 33.49 19.49 -12.01
C GLU A 89 33.64 18.04 -12.47
N ARG A 90 32.51 17.32 -12.50
CA ARG A 90 32.51 15.93 -12.90
C ARG A 90 33.04 15.67 -14.30
N GLU A 91 32.67 16.52 -15.25
CA GLU A 91 33.12 16.36 -16.63
C GLU A 91 34.62 16.57 -16.79
N LYS A 92 35.23 17.27 -15.85
CA LYS A 92 36.68 17.51 -15.90
C LYS A 92 37.42 16.25 -15.46
N LYS A 93 36.84 15.52 -14.50
CA LYS A 93 37.46 14.32 -13.95
C LYS A 93 36.95 12.99 -14.49
N PHE A 94 35.78 12.97 -15.12
CA PHE A 94 35.23 11.72 -15.62
C PHE A 94 34.66 11.81 -17.03
N LEU A 95 34.23 10.66 -17.54
CA LEU A 95 33.62 10.57 -18.86
C LEU A 95 32.15 10.23 -18.65
N PHE A 96 31.30 10.73 -19.54
CA PHE A 96 29.86 10.45 -19.51
C PHE A 96 29.53 9.84 -20.85
N ASN A 97 28.68 8.81 -20.87
CA ASN A 97 28.31 8.23 -22.15
C ASN A 97 27.42 9.27 -22.83
N LYS A 98 27.18 9.10 -24.13
CA LYS A 98 26.37 10.04 -24.90
C LYS A 98 24.85 9.90 -24.74
N VAL A 99 24.38 8.68 -24.52
CA VAL A 99 22.94 8.41 -24.40
C VAL A 99 22.38 8.45 -22.98
N ALA A 100 21.63 9.51 -22.65
CA ALA A 100 21.03 9.62 -21.31
C ALA A 100 20.04 8.47 -21.21
N TYR A 101 20.04 7.77 -20.08
CA TYR A 101 19.12 6.64 -19.95
C TYR A 101 17.91 6.92 -19.07
N ASN A 102 17.78 8.18 -18.64
CA ASN A 102 16.66 8.59 -17.83
C ASN A 102 16.67 10.10 -17.61
N HIS A 103 15.56 10.61 -17.09
CA HIS A 103 15.43 12.02 -16.72
C HIS A 103 15.09 11.94 -15.24
N PHE A 104 15.39 12.98 -14.47
CA PHE A 104 15.13 12.97 -13.04
C PHE A 104 14.15 14.07 -12.64
N PRO A 105 12.84 13.86 -12.86
CA PRO A 105 11.86 14.88 -12.50
C PRO A 105 11.70 15.11 -11.00
N LEU A 106 11.71 16.37 -10.61
CA LEU A 106 11.54 16.78 -9.22
C LEU A 106 10.28 17.61 -9.09
N LYS A 107 9.49 17.32 -8.07
CA LYS A 107 8.25 18.06 -7.83
C LYS A 107 8.05 18.32 -6.36
N ILE A 108 7.33 19.40 -6.04
CA ILE A 108 7.01 19.69 -4.66
C ILE A 108 6.21 18.48 -4.20
N THR A 109 6.46 18.04 -2.97
CA THR A 109 5.80 16.86 -2.42
C THR A 109 5.20 17.15 -1.05
N VAL A 110 3.97 16.70 -0.83
CA VAL A 110 3.26 16.94 0.42
C VAL A 110 2.57 15.71 0.99
N LEU A 111 1.98 15.89 2.18
CA LEU A 111 1.24 14.81 2.83
C LEU A 111 0.06 14.53 1.90
N GLN A 112 -0.26 13.26 1.69
CA GLN A 112 -1.34 12.90 0.79
C GLN A 112 -2.66 13.63 1.03
N ASN A 113 -3.06 13.83 2.28
CA ASN A 113 -4.32 14.52 2.54
C ASN A 113 -4.25 16.04 2.57
N ASN A 114 -3.08 16.61 2.31
CA ASN A 114 -2.94 18.07 2.30
C ASN A 114 -3.41 18.62 0.96
N ASP A 115 -4.42 19.48 0.99
CA ASP A 115 -4.93 20.04 -0.26
C ASP A 115 -4.72 21.55 -0.35
N THR A 116 -3.89 22.10 0.53
CA THR A 116 -3.65 23.54 0.54
C THR A 116 -2.54 24.01 -0.39
N ILE A 117 -1.75 23.07 -0.92
CA ILE A 117 -0.63 23.42 -1.79
C ILE A 117 -0.76 22.88 -3.22
N ARG A 118 -0.81 23.78 -4.19
CA ARG A 118 -0.94 23.40 -5.59
C ARG A 118 0.41 23.32 -6.29
N GLY A 119 1.41 23.97 -5.71
CA GLY A 119 2.72 23.98 -6.31
C GLY A 119 3.67 24.83 -5.49
N ILE A 120 4.88 25.01 -6.00
CA ILE A 120 5.89 25.79 -5.29
C ILE A 120 5.46 27.23 -5.01
N GLU A 121 4.48 27.73 -5.76
CA GLU A 121 3.97 29.09 -5.58
C GLU A 121 3.05 29.27 -4.37
N ASP A 122 2.57 28.17 -3.81
CA ASP A 122 1.66 28.22 -2.66
C ASP A 122 2.38 28.01 -1.33
N LEU A 123 3.65 28.36 -1.24
CA LEU A 123 4.38 28.12 -0.02
C LEU A 123 4.77 29.35 0.80
N LYS A 124 4.07 30.46 0.56
CA LYS A 124 4.34 31.68 1.29
C LYS A 124 4.12 31.44 2.79
N GLY A 125 5.18 31.62 3.58
CA GLY A 125 5.07 31.44 5.02
C GLY A 125 5.15 29.98 5.49
N LYS A 126 5.44 29.08 4.56
CA LYS A 126 5.51 27.68 4.93
C LYS A 126 6.94 27.16 5.05
N ARG A 127 7.07 25.97 5.62
CA ARG A 127 8.37 25.36 5.83
C ARG A 127 8.58 24.14 4.94
N VAL A 128 9.68 24.14 4.21
CA VAL A 128 10.03 23.06 3.28
C VAL A 128 11.27 22.33 3.79
N ILE A 129 11.15 21.03 4.00
CA ILE A 129 12.26 20.21 4.49
C ILE A 129 12.95 19.45 3.35
N THR A 130 14.28 19.39 3.39
CA THR A 130 15.02 18.71 2.34
C THR A 130 16.41 18.24 2.80
N SER A 131 17.10 17.51 1.93
CA SER A 131 18.44 17.02 2.23
C SER A 131 19.50 18.04 1.79
N ALA A 132 20.28 18.51 2.75
CA ALA A 132 21.32 19.50 2.50
C ALA A 132 22.23 19.21 1.32
N THR A 133 22.40 17.93 0.97
CA THR A 133 23.28 17.57 -0.14
C THR A 133 22.58 17.49 -1.50
N SER A 134 21.36 16.96 -1.50
CA SER A 134 20.56 16.77 -2.70
C SER A 134 20.53 17.91 -3.72
N ASN A 135 20.22 17.55 -4.96
CA ASN A 135 20.11 18.53 -6.04
C ASN A 135 18.76 19.23 -5.89
N GLY A 136 17.82 18.54 -5.25
CA GLY A 136 16.51 19.12 -5.02
C GLY A 136 16.67 20.31 -4.09
N ALA A 137 17.60 20.18 -3.15
CA ALA A 137 17.85 21.25 -2.19
C ALA A 137 18.30 22.51 -2.93
N LEU A 138 19.12 22.35 -3.95
CA LEU A 138 19.61 23.48 -4.73
C LEU A 138 18.47 24.08 -5.55
N VAL A 139 17.67 23.21 -6.13
CA VAL A 139 16.52 23.64 -6.94
C VAL A 139 15.63 24.55 -6.09
N LEU A 140 15.30 24.09 -4.89
CA LEU A 140 14.46 24.86 -3.97
C LEU A 140 15.10 26.21 -3.65
N LYS A 141 16.37 26.17 -3.26
CA LYS A 141 17.13 27.37 -2.90
C LYS A 141 17.13 28.41 -4.01
N LYS A 142 17.45 27.98 -5.23
CA LYS A 142 17.49 28.90 -6.35
C LYS A 142 16.13 29.54 -6.59
N TRP A 143 15.07 28.74 -6.56
CA TRP A 143 13.74 29.29 -6.79
C TRP A 143 13.37 30.26 -5.68
N ASN A 144 13.60 29.83 -4.43
CA ASN A 144 13.28 30.65 -3.27
C ASN A 144 14.03 31.98 -3.35
N GLU A 145 15.29 31.95 -3.75
CA GLU A 145 16.10 33.15 -3.88
C GLU A 145 15.60 34.10 -4.96
N ASP A 146 15.11 33.56 -6.07
CA ASP A 146 14.64 34.38 -7.17
C ASP A 146 13.20 34.87 -7.03
N ASN A 147 12.51 34.44 -5.98
CA ASN A 147 11.13 34.85 -5.80
C ASN A 147 10.79 35.52 -4.48
N GLY A 148 11.78 36.18 -3.88
CA GLY A 148 11.56 36.88 -2.63
C GLY A 148 11.57 36.03 -1.38
N ARG A 149 12.15 34.83 -1.48
CA ARG A 149 12.23 33.93 -0.32
C ARG A 149 10.90 33.80 0.41
N PRO A 150 9.83 33.40 -0.29
CA PRO A 150 8.53 33.27 0.36
C PRO A 150 8.45 32.17 1.44
N PHE A 151 9.28 31.14 1.32
CA PHE A 151 9.25 30.06 2.31
C PHE A 151 10.58 29.76 3.00
N GLU A 152 10.52 28.95 4.05
CA GLU A 152 11.71 28.58 4.80
C GLU A 152 12.19 27.20 4.40
N ILE A 153 13.47 27.09 4.07
CA ILE A 153 14.03 25.81 3.70
C ILE A 153 14.71 25.25 4.94
N ALA A 154 14.35 24.01 5.30
CA ALA A 154 14.95 23.35 6.45
C ALA A 154 15.65 22.09 5.98
N TYR A 155 16.75 21.75 6.65
CA TYR A 155 17.52 20.57 6.29
C TYR A 155 17.40 19.50 7.37
N GLU A 156 17.30 18.24 6.94
CA GLU A 156 17.20 17.13 7.88
C GLU A 156 18.62 16.70 8.28
N GLY A 157 18.74 16.07 9.44
CA GLY A 157 20.07 15.63 9.87
C GLY A 157 20.09 14.47 10.83
N GLN A 158 19.01 14.32 11.59
CA GLN A 158 18.91 13.23 12.56
C GLN A 158 19.05 11.86 11.91
N GLY A 159 17.93 11.23 11.59
CA GLY A 159 17.94 9.91 10.96
C GLY A 159 16.96 9.83 9.79
N ALA A 160 16.80 8.64 9.25
CA ALA A 160 15.91 8.42 8.10
C ALA A 160 14.44 8.68 8.46
N ASN A 161 13.62 8.80 7.42
CA ASN A 161 12.19 9.05 7.59
C ASN A 161 11.88 10.38 8.27
N GLU A 162 12.90 11.22 8.44
CA GLU A 162 12.70 12.51 9.08
C GLU A 162 11.75 13.41 8.31
N THR A 163 11.85 13.38 6.98
CA THR A 163 10.98 14.18 6.14
C THR A 163 9.52 13.73 6.28
N ALA A 164 9.30 12.42 6.19
CA ALA A 164 7.95 11.87 6.31
C ALA A 164 7.35 12.21 7.67
N ASN A 165 8.12 12.01 8.73
CA ASN A 165 7.64 12.29 10.07
C ASN A 165 7.24 13.75 10.24
N GLN A 166 8.02 14.66 9.66
CA GLN A 166 7.71 16.07 9.78
C GLN A 166 6.49 16.46 8.96
N LEU A 167 6.31 15.81 7.83
CA LEU A 167 5.14 16.07 6.98
C LEU A 167 3.90 15.60 7.74
N LYS A 168 4.02 14.43 8.38
CA LYS A 168 2.92 13.85 9.15
C LYS A 168 2.47 14.76 10.30
N SER A 169 3.44 15.28 11.06
CA SER A 169 3.11 16.14 12.19
C SER A 169 2.67 17.53 11.77
N GLY A 170 3.15 17.98 10.62
CA GLY A 170 2.80 19.31 10.15
C GLY A 170 3.99 20.24 10.33
N ARG A 171 5.01 19.75 11.03
CA ARG A 171 6.24 20.52 11.27
C ARG A 171 6.76 21.02 9.93
N ALA A 172 6.62 20.19 8.91
CA ALA A 172 7.03 20.55 7.56
C ALA A 172 5.78 20.58 6.68
N ASP A 173 5.66 21.57 5.81
CA ASP A 173 4.51 21.63 4.93
C ASP A 173 4.75 20.85 3.65
N ALA A 174 6.00 20.79 3.23
CA ALA A 174 6.33 20.09 2.00
C ALA A 174 7.82 19.74 1.93
N THR A 175 8.17 19.01 0.88
CA THR A 175 9.54 18.63 0.60
C THR A 175 9.62 18.63 -0.92
N ILE A 176 10.75 18.19 -1.46
CA ILE A 176 10.88 18.11 -2.91
C ILE A 176 11.34 16.68 -3.17
N SER A 177 10.68 16.01 -4.11
CA SER A 177 11.01 14.63 -4.37
C SER A 177 10.70 14.23 -5.80
N THR A 178 11.07 13.01 -6.16
CA THR A 178 10.82 12.49 -7.49
C THR A 178 9.64 11.54 -7.35
N PRO A 179 8.83 11.39 -8.41
CA PRO A 179 7.67 10.50 -8.34
C PRO A 179 7.95 9.06 -7.94
N PHE A 180 9.07 8.50 -8.38
CA PHE A 180 9.34 7.10 -8.02
C PHE A 180 9.69 6.93 -6.55
N ALA A 181 10.22 7.99 -5.93
CA ALA A 181 10.57 7.93 -4.51
C ALA A 181 9.28 8.02 -3.69
N VAL A 182 8.32 8.81 -4.17
CA VAL A 182 7.03 8.96 -3.48
C VAL A 182 6.25 7.65 -3.56
N ASP A 183 6.39 6.96 -4.69
CA ASP A 183 5.68 5.69 -4.86
C ASP A 183 6.23 4.66 -3.87
N PHE A 184 7.54 4.63 -3.68
CA PHE A 184 8.13 3.67 -2.76
C PHE A 184 7.73 3.99 -1.32
N GLN A 185 7.70 5.28 -0.98
CA GLN A 185 7.28 5.72 0.34
C GLN A 185 5.88 5.20 0.67
N ASN A 186 4.96 5.37 -0.26
CA ASN A 186 3.58 4.93 -0.07
C ASN A 186 3.43 3.42 0.06
N LYS A 187 4.26 2.68 -0.66
CA LYS A 187 4.19 1.23 -0.64
C LYS A 187 4.81 0.60 0.61
N THR A 188 5.67 1.34 1.29
CA THR A 188 6.35 0.82 2.46
C THR A 188 6.08 1.55 3.76
N SER A 189 5.26 2.59 3.73
CA SER A 189 4.98 3.35 4.95
C SER A 189 3.52 3.74 5.12
N THR A 190 3.15 4.04 6.36
CA THR A 190 1.78 4.45 6.69
C THR A 190 1.61 5.94 6.42
N ILE A 191 2.71 6.67 6.32
CA ILE A 191 2.65 8.10 6.05
C ILE A 191 2.67 8.22 4.52
N LYS A 192 1.54 8.62 3.96
CA LYS A 192 1.41 8.73 2.51
C LYS A 192 1.70 10.14 2.00
N GLU A 193 2.34 10.20 0.82
CA GLU A 193 2.68 11.49 0.21
C GLU A 193 2.16 11.54 -1.22
N LYS A 194 2.24 12.73 -1.81
CA LYS A 194 1.83 12.94 -3.19
C LYS A 194 2.57 14.15 -3.74
N THR A 195 2.78 14.16 -5.05
CA THR A 195 3.44 15.28 -5.70
C THR A 195 2.33 16.23 -6.16
N VAL A 196 2.66 17.50 -6.26
CA VAL A 196 1.71 18.52 -6.71
C VAL A 196 2.51 19.54 -7.51
N GLY A 197 1.86 20.15 -8.50
CA GLY A 197 2.52 21.16 -9.29
C GLY A 197 3.31 20.63 -10.48
N ASN A 198 4.00 21.53 -11.16
CA ASN A 198 4.77 21.15 -12.33
C ASN A 198 6.16 20.66 -11.99
N VAL A 199 6.80 20.01 -12.96
CA VAL A 199 8.17 19.52 -12.79
C VAL A 199 9.06 20.74 -12.64
N LEU A 200 9.82 20.79 -11.54
CA LEU A 200 10.68 21.92 -11.26
C LEU A 200 12.07 21.76 -11.87
N SER A 201 12.49 20.51 -12.02
CA SER A 201 13.80 20.19 -12.56
C SER A 201 13.66 18.85 -13.28
N ASN A 202 14.40 18.65 -14.36
CA ASN A 202 14.29 17.41 -15.10
C ASN A 202 15.62 17.02 -15.78
N ALA A 203 16.68 17.00 -14.98
CA ALA A 203 18.02 16.70 -15.46
C ALA A 203 18.20 15.32 -16.10
N LYS A 204 19.07 15.26 -17.10
CA LYS A 204 19.37 14.00 -17.78
C LYS A 204 20.30 13.14 -16.91
N VAL A 205 20.11 11.84 -16.98
CA VAL A 205 20.88 10.90 -16.18
C VAL A 205 21.80 10.11 -17.11
N TYR A 206 23.06 9.94 -16.69
CA TYR A 206 24.05 9.23 -17.48
C TYR A 206 24.90 8.27 -16.65
N PHE A 207 25.60 7.36 -17.31
CA PHE A 207 26.53 6.50 -16.60
C PHE A 207 27.83 7.32 -16.55
N MSE A 208 28.64 7.14 -15.52
CA MSE A 208 29.90 7.85 -15.42
C MSE A 208 31.05 6.85 -15.51
O MSE A 208 30.96 5.74 -15.00
CB MSE A 208 30.00 8.63 -14.12
CG MSE A 208 29.06 9.81 -14.12
SE MSE A 208 29.15 10.88 -12.56
CE MSE A 208 30.89 11.67 -12.87
N PHE A 209 32.13 7.26 -16.17
CA PHE A 209 33.27 6.39 -16.39
C PHE A 209 34.62 6.95 -15.99
N ASN A 210 35.55 6.04 -15.73
CA ASN A 210 36.91 6.41 -15.41
C ASN A 210 37.43 6.91 -16.76
N LYS A 211 38.31 7.90 -16.74
CA LYS A 211 38.86 8.47 -17.98
C LYS A 211 39.43 7.47 -18.98
N ASN A 212 39.78 6.29 -18.52
CA ASN A 212 40.37 5.26 -19.38
C ASN A 212 39.37 4.31 -20.04
N GLU A 213 38.08 4.52 -19.84
CA GLU A 213 37.06 3.63 -20.40
C GLU A 213 36.21 4.18 -21.55
N GLN A 214 36.81 4.91 -22.49
CA GLN A 214 36.04 5.46 -23.60
C GLN A 214 35.43 4.38 -24.49
N THR A 215 36.19 3.33 -24.78
CA THR A 215 35.68 2.26 -25.64
C THR A 215 34.45 1.61 -25.00
N LEU A 216 34.51 1.38 -23.69
CA LEU A 216 33.40 0.78 -22.95
C LEU A 216 32.17 1.68 -23.02
N SER A 217 32.38 2.97 -22.83
CA SER A 217 31.26 3.93 -22.88
C SER A 217 30.58 3.91 -24.24
N ASP A 218 31.38 3.90 -25.31
CA ASP A 218 30.83 3.86 -26.66
C ASP A 218 30.06 2.57 -26.92
N ASP A 219 30.61 1.45 -26.44
CA ASP A 219 29.96 0.16 -26.62
C ASP A 219 28.63 0.15 -25.89
N ILE A 220 28.60 0.78 -24.72
CA ILE A 220 27.37 0.85 -23.93
C ILE A 220 26.32 1.71 -24.64
N ASP A 221 26.76 2.80 -25.28
CA ASP A 221 25.82 3.65 -26.01
C ASP A 221 25.16 2.86 -27.14
N LYS A 222 25.95 2.02 -27.80
CA LYS A 222 25.42 1.20 -28.89
C LYS A 222 24.34 0.27 -28.34
N ALA A 223 24.62 -0.37 -27.22
CA ALA A 223 23.66 -1.29 -26.62
C ALA A 223 22.41 -0.53 -26.15
N LEU A 224 22.60 0.66 -25.60
CA LEU A 224 21.45 1.45 -25.14
C LEU A 224 20.52 1.78 -26.30
N GLN A 225 21.09 2.10 -27.46
CA GLN A 225 20.25 2.43 -28.61
C GLN A 225 19.43 1.19 -28.96
N GLU A 226 20.04 0.03 -28.86
CA GLU A 226 19.37 -1.25 -29.15
C GLU A 226 18.23 -1.47 -28.15
N ILE A 227 18.52 -1.18 -26.88
CA ILE A 227 17.55 -1.33 -25.81
C ILE A 227 16.40 -0.33 -25.96
N ILE A 228 16.72 0.89 -26.41
CA ILE A 228 15.70 1.90 -26.63
C ILE A 228 14.81 1.50 -27.82
N ASP A 229 15.45 1.16 -28.94
CA ASP A 229 14.76 0.80 -30.17
C ASP A 229 13.74 -0.34 -30.11
N ASP A 230 14.01 -1.38 -29.31
CA ASP A 230 13.06 -2.48 -29.23
C ASP A 230 12.06 -2.37 -28.08
N GLY A 231 12.02 -1.19 -27.45
CA GLY A 231 11.08 -0.97 -26.37
C GLY A 231 11.47 -1.48 -24.99
N THR A 232 12.66 -2.03 -24.85
CA THR A 232 13.08 -2.56 -23.54
C THR A 232 13.28 -1.46 -22.51
N LEU A 233 13.88 -0.34 -22.90
CA LEU A 233 14.09 0.74 -21.94
C LEU A 233 12.75 1.27 -21.45
N LYS A 234 11.84 1.53 -22.39
CA LYS A 234 10.52 2.05 -22.03
C LYS A 234 9.84 1.11 -21.02
N ARG A 235 9.91 -0.19 -21.29
CA ARG A 235 9.32 -1.20 -20.41
C ARG A 235 9.92 -1.12 -19.01
N LEU A 236 11.24 -1.03 -18.96
CA LEU A 236 11.95 -0.96 -17.70
C LEU A 236 11.64 0.33 -16.92
N SER A 237 11.56 1.46 -17.62
CA SER A 237 11.27 2.71 -16.93
C SER A 237 9.84 2.72 -16.39
N LEU A 238 8.89 2.17 -17.14
CA LEU A 238 7.50 2.14 -16.68
C LEU A 238 7.37 1.23 -15.45
N LYS A 239 8.07 0.11 -15.47
CA LYS A 239 8.02 -0.81 -14.34
C LYS A 239 8.59 -0.19 -13.05
N TRP A 240 9.79 0.37 -13.14
CA TRP A 240 10.44 0.95 -11.97
C TRP A 240 10.13 2.40 -11.63
N LEU A 241 9.99 3.24 -12.65
CA LEU A 241 9.79 4.67 -12.44
C LEU A 241 8.40 5.27 -12.68
N GLY A 242 7.62 4.67 -13.56
CA GLY A 242 6.31 5.24 -13.85
C GLY A 242 6.42 5.97 -15.18
N ASP A 243 5.37 6.70 -15.57
CA ASP A 243 5.40 7.38 -16.86
C ASP A 243 5.94 8.81 -16.87
N ASP A 244 6.30 9.34 -15.71
CA ASP A 244 6.84 10.70 -15.63
C ASP A 244 8.31 10.75 -16.05
N TYR A 245 8.79 9.68 -16.66
CA TYR A 245 10.19 9.61 -17.08
C TYR A 245 10.33 9.22 -18.54
N LYS B 14 -35.03 -13.61 -20.36
CA LYS B 14 -33.82 -14.43 -20.03
C LYS B 14 -33.33 -14.12 -18.62
N VAL B 15 -33.54 -15.04 -17.70
CA VAL B 15 -33.13 -14.86 -16.31
C VAL B 15 -32.23 -16.00 -15.84
N GLN B 16 -30.98 -15.68 -15.51
CA GLN B 16 -30.02 -16.68 -15.05
C GLN B 16 -29.95 -16.71 -13.53
N THR B 17 -29.93 -17.92 -12.96
CA THR B 17 -29.88 -18.10 -11.52
C THR B 17 -28.46 -18.19 -10.97
N ILE B 18 -28.16 -17.37 -9.97
CA ILE B 18 -26.85 -17.32 -9.35
C ILE B 18 -26.92 -17.88 -7.93
N THR B 19 -26.02 -18.80 -7.61
CA THR B 19 -25.98 -19.41 -6.29
C THR B 19 -25.08 -18.64 -5.33
N VAL B 20 -25.67 -18.13 -4.25
CA VAL B 20 -24.91 -17.35 -3.28
C VAL B 20 -24.60 -18.15 -2.03
N GLY B 21 -23.32 -18.37 -1.78
CA GLY B 21 -22.93 -19.10 -0.60
C GLY B 21 -22.81 -18.14 0.56
N THR B 22 -23.39 -18.49 1.71
CA THR B 22 -23.32 -17.63 2.88
C THR B 22 -23.49 -18.48 4.15
N GLY B 23 -23.54 -17.83 5.31
CA GLY B 23 -23.67 -18.57 6.56
C GLY B 23 -24.99 -18.37 7.28
N THR B 24 -25.12 -18.94 8.47
CA THR B 24 -26.34 -18.83 9.26
C THR B 24 -26.05 -18.50 10.72
N GLN B 25 -24.77 -18.33 11.06
CA GLN B 25 -24.38 -18.02 12.44
C GLN B 25 -23.54 -16.74 12.54
N PHE B 26 -23.96 -15.70 11.83
CA PHE B 26 -23.26 -14.41 11.84
C PHE B 26 -24.34 -13.36 12.10
N PRO B 27 -24.64 -13.07 13.39
CA PRO B 27 -25.65 -12.08 13.78
C PRO B 27 -25.58 -10.74 13.03
N ASN B 28 -26.73 -10.31 12.52
CA ASN B 28 -26.87 -9.05 11.78
C ASN B 28 -26.26 -9.05 10.38
N ILE B 29 -25.67 -10.17 9.99
CA ILE B 29 -25.04 -10.31 8.67
C ILE B 29 -25.71 -11.42 7.88
N CYS B 30 -25.69 -12.64 8.44
CA CYS B 30 -26.31 -13.79 7.82
C CYS B 30 -26.64 -14.76 8.94
N PHE B 31 -27.87 -14.69 9.40
CA PHE B 31 -28.33 -15.52 10.50
C PHE B 31 -29.82 -15.82 10.37
N ILE B 32 -30.31 -16.69 11.26
CA ILE B 32 -31.71 -17.07 11.28
C ILE B 32 -32.39 -16.31 12.42
N ASP B 33 -33.41 -15.52 12.11
CA ASP B 33 -34.11 -14.80 13.17
C ASP B 33 -35.13 -15.69 13.88
N GLU B 34 -35.74 -15.15 14.93
CA GLU B 34 -36.72 -15.90 15.74
C GLU B 34 -37.87 -16.46 14.93
N LYS B 35 -38.26 -15.75 13.87
CA LYS B 35 -39.34 -16.19 13.01
C LYS B 35 -38.88 -17.36 12.16
N GLY B 36 -37.56 -17.58 12.12
CA GLY B 36 -37.01 -18.68 11.35
C GLY B 36 -36.64 -18.31 9.93
N ASP B 37 -36.33 -17.04 9.70
CA ASP B 37 -35.95 -16.59 8.37
C ASP B 37 -34.47 -16.23 8.29
N LEU B 38 -33.83 -16.61 7.19
CA LEU B 38 -32.42 -16.30 6.98
C LEU B 38 -32.40 -14.81 6.62
N THR B 39 -31.71 -13.99 7.41
CA THR B 39 -31.67 -12.57 7.14
C THR B 39 -30.36 -11.92 7.60
N GLY B 40 -30.34 -10.60 7.71
CA GLY B 40 -29.12 -9.90 8.09
C GLY B 40 -28.65 -9.04 6.92
N TYR B 41 -27.68 -8.17 7.16
CA TYR B 41 -27.17 -7.26 6.13
C TYR B 41 -26.81 -7.88 4.78
N ASP B 42 -25.93 -8.88 4.78
CA ASP B 42 -25.50 -9.52 3.53
C ASP B 42 -26.63 -10.23 2.80
N VAL B 43 -27.50 -10.91 3.55
CA VAL B 43 -28.62 -11.62 2.96
C VAL B 43 -29.63 -10.66 2.36
N GLU B 44 -29.89 -9.55 3.05
CA GLU B 44 -30.84 -8.57 2.54
C GLU B 44 -30.27 -7.76 1.39
N LEU B 45 -28.95 -7.56 1.35
CA LEU B 45 -28.35 -6.83 0.25
C LEU B 45 -28.45 -7.69 -1.02
N ILE B 46 -28.16 -8.97 -0.88
CA ILE B 46 -28.26 -9.89 -2.01
C ILE B 46 -29.68 -9.81 -2.58
N LYS B 47 -30.67 -9.84 -1.71
CA LYS B 47 -32.06 -9.79 -2.13
C LYS B 47 -32.39 -8.46 -2.80
N GLU B 48 -31.77 -7.38 -2.32
CA GLU B 48 -32.00 -6.07 -2.91
C GLU B 48 -31.38 -6.06 -4.31
N LEU B 49 -30.25 -6.74 -4.45
CA LEU B 49 -29.55 -6.85 -5.72
C LEU B 49 -30.31 -7.73 -6.68
N ASP B 50 -31.14 -8.61 -6.14
CA ASP B 50 -31.94 -9.51 -6.96
C ASP B 50 -32.97 -8.66 -7.68
N LYS B 51 -33.63 -7.78 -6.93
CA LYS B 51 -34.64 -6.89 -7.50
C LYS B 51 -34.03 -5.97 -8.55
N ARG B 52 -33.12 -5.12 -8.09
CA ARG B 52 -32.42 -4.15 -8.94
C ARG B 52 -31.82 -4.77 -10.19
N LEU B 53 -31.56 -6.07 -10.16
CA LEU B 53 -30.91 -6.73 -11.28
C LEU B 53 -31.68 -7.85 -11.97
N PRO B 54 -32.47 -7.51 -13.01
CA PRO B 54 -33.20 -8.57 -13.71
C PRO B 54 -32.21 -9.47 -14.44
N HIS B 55 -32.73 -10.46 -15.18
CA HIS B 55 -31.86 -11.37 -15.91
C HIS B 55 -31.03 -12.20 -14.94
N TYR B 56 -31.24 -11.98 -13.64
CA TYR B 56 -30.54 -12.70 -12.60
C TYR B 56 -31.48 -13.08 -11.46
N LYS B 57 -31.33 -14.30 -10.96
CA LYS B 57 -32.13 -14.79 -9.85
C LYS B 57 -31.18 -15.36 -8.81
N PHE B 58 -31.18 -14.78 -7.61
CA PHE B 58 -30.28 -15.24 -6.56
C PHE B 58 -30.91 -16.26 -5.64
N THR B 59 -30.23 -17.38 -5.46
CA THR B 59 -30.69 -18.44 -4.58
C THR B 59 -29.63 -18.59 -3.50
N PHE B 60 -29.95 -19.33 -2.44
CA PHE B 60 -28.99 -19.49 -1.36
C PHE B 60 -28.54 -20.91 -1.08
N LYS B 61 -27.31 -21.00 -0.56
CA LYS B 61 -26.71 -22.27 -0.18
C LYS B 61 -25.85 -21.97 1.04
N THR B 62 -26.36 -22.31 2.22
CA THR B 62 -25.64 -22.05 3.46
C THR B 62 -24.72 -23.22 3.81
N MSE B 63 -23.64 -22.90 4.51
CA MSE B 63 -22.65 -23.90 4.89
C MSE B 63 -21.73 -23.30 5.94
O MSE B 63 -21.81 -22.10 6.22
CB MSE B 63 -21.84 -24.30 3.67
CG MSE B 63 -21.13 -23.13 3.01
SE MSE B 63 -20.33 -23.55 1.28
CE MSE B 63 -21.87 -23.23 0.16
N GLU B 64 -20.86 -24.12 6.51
CA GLU B 64 -19.91 -23.65 7.51
C GLU B 64 -19.00 -22.62 6.83
N PHE B 65 -18.47 -21.68 7.60
CA PHE B 65 -17.58 -20.67 7.04
C PHE B 65 -16.41 -21.27 6.28
N SER B 66 -15.72 -22.21 6.92
CA SER B 66 -14.56 -22.88 6.33
C SER B 66 -14.81 -23.60 5.00
N ASN B 67 -16.08 -23.71 4.60
CA ASN B 67 -16.40 -24.41 3.36
C ASN B 67 -16.76 -23.47 2.22
N LEU B 68 -16.90 -22.19 2.53
CA LEU B 68 -17.27 -21.17 1.54
C LEU B 68 -16.33 -21.07 0.34
N LEU B 69 -15.08 -20.69 0.59
CA LEU B 69 -14.10 -20.53 -0.49
C LEU B 69 -13.89 -21.83 -1.25
N VAL B 70 -13.97 -22.95 -0.53
CA VAL B 70 -13.80 -24.25 -1.13
C VAL B 70 -14.94 -24.47 -2.12
N SER B 71 -16.15 -24.17 -1.67
CA SER B 71 -17.33 -24.33 -2.50
C SER B 71 -17.35 -23.31 -3.63
N LEU B 72 -16.67 -22.18 -3.43
CA LEU B 72 -16.60 -21.17 -4.48
C LEU B 72 -15.81 -21.86 -5.58
N GLY B 73 -14.82 -22.66 -5.15
CA GLY B 73 -14.05 -23.43 -6.09
C GLY B 73 -15.02 -24.53 -6.49
N GLN B 74 -14.67 -25.33 -7.50
CA GLN B 74 -15.58 -26.39 -7.93
C GLN B 74 -16.86 -25.74 -8.48
N HIS B 75 -16.94 -24.42 -8.38
CA HIS B 75 -18.09 -23.66 -8.87
C HIS B 75 -19.43 -24.13 -8.30
N LYS B 76 -19.40 -24.76 -7.12
CA LYS B 76 -20.63 -25.22 -6.49
C LYS B 76 -21.41 -24.01 -5.99
N VAL B 77 -20.72 -22.87 -5.95
CA VAL B 77 -21.30 -21.61 -5.52
C VAL B 77 -20.76 -20.53 -6.46
N ASP B 78 -21.62 -19.62 -6.89
CA ASP B 78 -21.19 -18.55 -7.79
C ASP B 78 -20.64 -17.34 -7.04
N ILE B 79 -21.38 -16.89 -6.03
CA ILE B 79 -20.97 -15.75 -5.24
C ILE B 79 -20.89 -16.10 -3.76
N VAL B 80 -19.93 -15.51 -3.06
CA VAL B 80 -19.78 -15.73 -1.62
C VAL B 80 -20.04 -14.39 -0.93
N ALA B 81 -21.07 -14.35 -0.10
CA ALA B 81 -21.42 -13.13 0.64
C ALA B 81 -21.28 -13.42 2.12
N HIS B 82 -20.19 -12.95 2.72
CA HIS B 82 -19.94 -13.20 4.14
C HIS B 82 -18.96 -12.18 4.70
N GLN B 83 -19.23 -10.89 4.45
CA GLN B 83 -18.34 -9.82 4.91
C GLN B 83 -16.89 -10.16 4.60
N MSE B 84 -16.64 -10.68 3.40
CA MSE B 84 -15.29 -11.07 2.99
C MSE B 84 -14.38 -9.89 2.67
O MSE B 84 -14.76 -8.98 1.95
CB MSE B 84 -15.35 -12.00 1.78
CG MSE B 84 -16.21 -13.26 2.00
SE MSE B 84 -15.55 -14.39 3.44
CE MSE B 84 -14.46 -15.60 2.39
N GLU B 85 -13.17 -9.92 3.23
CA GLU B 85 -12.20 -8.87 3.01
C GLU B 85 -11.15 -9.39 2.02
N LYS B 86 -10.37 -8.48 1.46
CA LYS B 86 -9.34 -8.88 0.49
C LYS B 86 -8.11 -9.49 1.17
N SER B 87 -7.40 -10.30 0.41
CA SER B 87 -6.18 -10.97 0.87
C SER B 87 -5.34 -11.29 -0.35
N LYS B 88 -4.02 -11.35 -0.16
CA LYS B 88 -3.12 -11.66 -1.28
C LYS B 88 -3.44 -13.05 -1.80
N GLU B 89 -3.63 -13.99 -0.88
CA GLU B 89 -3.95 -15.37 -1.24
C GLU B 89 -5.29 -15.46 -1.96
N ARG B 90 -6.26 -14.67 -1.51
CA ARG B 90 -7.59 -14.67 -2.11
C ARG B 90 -7.59 -14.01 -3.48
N GLU B 91 -6.84 -12.93 -3.63
CA GLU B 91 -6.78 -12.23 -4.91
C GLU B 91 -6.18 -13.10 -6.01
N LYS B 92 -5.33 -14.06 -5.63
CA LYS B 92 -4.70 -14.94 -6.58
C LYS B 92 -5.67 -15.92 -7.24
N LYS B 93 -6.49 -16.59 -6.44
CA LYS B 93 -7.43 -17.56 -6.97
C LYS B 93 -8.89 -17.11 -7.05
N PHE B 94 -9.18 -15.89 -6.62
CA PHE B 94 -10.57 -15.41 -6.67
C PHE B 94 -10.73 -13.99 -7.20
N LEU B 95 -11.94 -13.69 -7.65
CA LEU B 95 -12.27 -12.37 -8.19
C LEU B 95 -13.14 -11.58 -7.20
N PHE B 96 -12.76 -10.33 -6.95
CA PHE B 96 -13.49 -9.44 -6.05
C PHE B 96 -14.23 -8.41 -6.89
N ASN B 97 -15.37 -7.91 -6.41
CA ASN B 97 -16.06 -6.88 -7.17
C ASN B 97 -15.37 -5.56 -6.84
N LYS B 98 -15.69 -4.49 -7.56
CA LYS B 98 -15.03 -3.21 -7.35
C LYS B 98 -15.60 -2.35 -6.23
N VAL B 99 -16.91 -2.42 -6.04
CA VAL B 99 -17.56 -1.60 -5.01
C VAL B 99 -17.72 -2.28 -3.66
N ALA B 100 -16.92 -1.85 -2.69
CA ALA B 100 -17.00 -2.39 -1.34
C ALA B 100 -18.39 -2.01 -0.83
N TYR B 101 -19.11 -2.95 -0.23
CA TYR B 101 -20.45 -2.63 0.25
C TYR B 101 -20.54 -2.37 1.74
N ASN B 102 -19.38 -2.33 2.40
CA ASN B 102 -19.34 -2.09 3.83
C ASN B 102 -17.93 -2.11 4.36
N HIS B 103 -17.71 -1.51 5.52
CA HIS B 103 -16.42 -1.50 6.20
C HIS B 103 -16.62 -2.32 7.48
N PHE B 104 -15.60 -3.06 7.88
CA PHE B 104 -15.69 -3.94 9.05
C PHE B 104 -14.91 -3.38 10.25
N PRO B 105 -15.57 -2.57 11.09
CA PRO B 105 -14.88 -1.99 12.25
C PRO B 105 -14.74 -2.93 13.44
N LEU B 106 -13.49 -3.13 13.87
CA LEU B 106 -13.21 -3.97 15.02
C LEU B 106 -12.78 -3.11 16.20
N LYS B 107 -13.29 -3.42 17.38
CA LYS B 107 -12.92 -2.64 18.56
C LYS B 107 -12.83 -3.51 19.79
N ILE B 108 -12.09 -3.04 20.78
CA ILE B 108 -11.98 -3.78 22.03
C ILE B 108 -13.40 -3.78 22.59
N THR B 109 -13.81 -4.91 23.12
CA THR B 109 -15.15 -5.06 23.68
C THR B 109 -15.06 -5.60 25.09
N VAL B 110 -15.86 -5.02 25.99
CA VAL B 110 -15.86 -5.43 27.39
C VAL B 110 -17.27 -5.52 27.96
N LEU B 111 -17.35 -6.01 29.20
CA LEU B 111 -18.63 -6.11 29.89
C LEU B 111 -19.11 -4.66 30.04
N GLN B 112 -20.39 -4.43 29.84
CA GLN B 112 -20.94 -3.08 29.92
C GLN B 112 -20.56 -2.28 31.17
N ASN B 113 -20.57 -2.91 32.35
CA ASN B 113 -20.24 -2.18 33.58
C ASN B 113 -18.75 -2.04 33.89
N ASN B 114 -17.89 -2.51 32.99
CA ASN B 114 -16.43 -2.40 33.21
C ASN B 114 -15.95 -1.03 32.76
N ASP B 115 -15.37 -0.26 33.68
CA ASP B 115 -14.86 1.06 33.33
C ASP B 115 -13.34 1.15 33.46
N THR B 116 -12.66 0.01 33.57
CA THR B 116 -11.19 0.02 33.74
C THR B 116 -10.38 -0.01 32.45
N ILE B 117 -11.06 -0.20 31.33
CA ILE B 117 -10.41 -0.29 30.03
C ILE B 117 -10.87 0.78 29.07
N ARG B 118 -9.95 1.65 28.67
CA ARG B 118 -10.27 2.75 27.75
C ARG B 118 -9.97 2.35 26.32
N GLY B 119 -9.16 1.31 26.17
CA GLY B 119 -8.80 0.85 24.85
C GLY B 119 -7.75 -0.24 24.94
N ILE B 120 -7.25 -0.68 23.78
CA ILE B 120 -6.26 -1.75 23.72
C ILE B 120 -4.98 -1.45 24.53
N GLU B 121 -4.72 -0.18 24.78
CA GLU B 121 -3.53 0.21 25.53
C GLU B 121 -3.67 0.00 27.04
N ASP B 122 -4.88 -0.31 27.50
CA ASP B 122 -5.13 -0.53 28.92
C ASP B 122 -5.33 -1.99 29.29
N LEU B 123 -4.75 -2.90 28.52
CA LEU B 123 -4.94 -4.32 28.79
C LEU B 123 -3.72 -5.03 29.38
N LYS B 124 -2.76 -4.25 29.85
CA LYS B 124 -1.53 -4.79 30.43
C LYS B 124 -1.83 -5.74 31.59
N GLY B 125 -1.46 -7.00 31.43
CA GLY B 125 -1.67 -7.99 32.46
C GLY B 125 -3.07 -8.60 32.45
N LYS B 126 -3.89 -8.19 31.48
CA LYS B 126 -5.25 -8.72 31.41
C LYS B 126 -5.40 -9.85 30.39
N ARG B 127 -6.57 -10.48 30.40
CA ARG B 127 -6.84 -11.60 29.52
C ARG B 127 -7.90 -11.25 28.47
N VAL B 128 -7.56 -11.45 27.21
CA VAL B 128 -8.45 -11.16 26.10
C VAL B 128 -8.77 -12.45 25.36
N ILE B 129 -10.05 -12.69 25.11
CA ILE B 129 -10.46 -13.90 24.41
C ILE B 129 -10.98 -13.60 23.02
N THR B 130 -10.80 -14.56 22.12
CA THR B 130 -11.26 -14.44 20.75
C THR B 130 -11.00 -15.75 19.99
N SER B 131 -11.91 -16.09 19.10
CA SER B 131 -11.78 -17.33 18.34
C SER B 131 -10.92 -17.09 17.11
N ALA B 132 -9.75 -17.73 17.09
CA ALA B 132 -8.81 -17.58 15.97
C ALA B 132 -9.41 -18.15 14.68
N GLY B 136 -10.81 -11.01 13.79
CA GLY B 136 -10.26 -10.04 14.73
C GLY B 136 -9.10 -10.60 15.53
N ALA B 137 -8.96 -11.93 15.51
CA ALA B 137 -7.88 -12.59 16.24
C ALA B 137 -6.52 -12.15 15.73
N LEU B 138 -6.41 -11.92 14.42
CA LEU B 138 -5.15 -11.49 13.82
C LEU B 138 -4.83 -10.04 14.20
N VAL B 139 -5.85 -9.19 14.18
CA VAL B 139 -5.69 -7.78 14.52
C VAL B 139 -5.20 -7.66 15.97
N LEU B 140 -5.81 -8.47 16.84
CA LEU B 140 -5.48 -8.47 18.26
C LEU B 140 -4.06 -9.00 18.48
N LYS B 141 -3.73 -10.09 17.81
CA LYS B 141 -2.41 -10.70 17.93
C LYS B 141 -1.31 -9.79 17.41
N LYS B 142 -1.49 -9.29 16.19
CA LYS B 142 -0.51 -8.42 15.57
C LYS B 142 -0.21 -7.15 16.36
N TRP B 143 -1.19 -6.64 17.10
CA TRP B 143 -0.97 -5.43 17.89
C TRP B 143 -0.28 -5.78 19.20
N ASN B 144 -0.76 -6.81 19.87
CA ASN B 144 -0.20 -7.25 21.14
C ASN B 144 1.29 -7.50 20.98
N GLU B 145 1.65 -8.33 20.00
CA GLU B 145 3.05 -8.65 19.74
C GLU B 145 3.65 -7.52 18.91
N ASP B 146 3.48 -6.30 19.40
CA ASP B 146 4.00 -5.11 18.74
C ASP B 146 4.09 -3.99 19.78
N ASN B 147 3.66 -4.32 21.00
CA ASN B 147 3.69 -3.36 22.11
C ASN B 147 4.17 -4.04 23.39
N GLY B 148 4.96 -5.11 23.23
CA GLY B 148 5.48 -5.82 24.38
C GLY B 148 4.57 -6.92 24.90
N ARG B 149 3.57 -7.29 24.10
CA ARG B 149 2.61 -8.31 24.49
C ARG B 149 2.11 -8.06 25.91
N PRO B 150 1.54 -6.87 26.16
CA PRO B 150 1.03 -6.52 27.49
C PRO B 150 -0.06 -7.46 28.00
N PHE B 151 -0.85 -8.02 27.09
CA PHE B 151 -1.93 -8.90 27.50
C PHE B 151 -1.84 -10.33 26.96
N GLU B 152 -2.59 -11.22 27.60
CA GLU B 152 -2.64 -12.63 27.24
C GLU B 152 -3.85 -12.88 26.35
N ILE B 153 -3.62 -13.52 25.22
CA ILE B 153 -4.70 -13.81 24.29
C ILE B 153 -5.14 -15.26 24.42
N ALA B 154 -6.42 -15.45 24.75
CA ALA B 154 -6.99 -16.78 24.91
C ALA B 154 -7.97 -17.03 23.76
N TYR B 155 -8.28 -18.29 23.49
CA TYR B 155 -9.19 -18.61 22.39
C TYR B 155 -10.40 -19.41 22.86
N GLU B 156 -11.51 -19.26 22.14
CA GLU B 156 -12.74 -19.97 22.47
C GLU B 156 -12.60 -21.47 22.22
N ALA B 160 -19.82 -19.83 21.18
CA ALA B 160 -20.94 -20.50 21.83
C ALA B 160 -21.36 -19.73 23.09
N ASN B 161 -21.53 -18.43 22.96
CA ASN B 161 -21.91 -17.56 24.08
C ASN B 161 -20.88 -17.58 25.21
N GLU B 162 -19.81 -18.34 25.01
CA GLU B 162 -18.75 -18.46 26.01
C GLU B 162 -18.02 -17.14 26.21
N THR B 163 -17.92 -16.34 25.15
CA THR B 163 -17.26 -15.05 25.25
C THR B 163 -18.01 -14.21 26.27
N ALA B 164 -19.32 -14.10 26.10
CA ALA B 164 -20.17 -13.35 27.01
C ALA B 164 -20.09 -13.95 28.41
N ASN B 165 -20.09 -15.27 28.49
CA ASN B 165 -20.01 -15.95 29.78
C ASN B 165 -18.72 -15.61 30.49
N GLN B 166 -17.61 -15.62 29.77
CA GLN B 166 -16.32 -15.30 30.36
C GLN B 166 -16.20 -13.83 30.70
N LEU B 167 -16.87 -12.97 29.95
CA LEU B 167 -16.82 -11.54 30.26
C LEU B 167 -17.58 -11.31 31.56
N LYS B 168 -18.74 -11.94 31.69
CA LYS B 168 -19.57 -11.81 32.88
C LYS B 168 -18.88 -12.32 34.15
N SER B 169 -18.27 -13.49 34.08
CA SER B 169 -17.60 -14.06 35.24
C SER B 169 -16.28 -13.39 35.60
N GLY B 170 -15.67 -12.70 34.64
CA GLY B 170 -14.40 -12.06 34.89
C GLY B 170 -13.23 -12.86 34.38
N ARG B 171 -13.47 -14.11 33.96
CA ARG B 171 -12.37 -14.93 33.46
C ARG B 171 -11.70 -14.22 32.29
N ALA B 172 -12.47 -13.46 31.53
CA ALA B 172 -11.95 -12.69 30.41
C ALA B 172 -12.21 -11.22 30.72
N ASP B 173 -11.22 -10.37 30.45
CA ASP B 173 -11.39 -8.95 30.70
C ASP B 173 -11.95 -8.27 29.47
N ALA B 174 -11.68 -8.84 28.31
CA ALA B 174 -12.16 -8.26 27.07
C ALA B 174 -12.06 -9.22 25.89
N THR B 175 -12.58 -8.76 24.77
CA THR B 175 -12.56 -9.51 23.53
C THR B 175 -12.48 -8.44 22.44
N ILE B 176 -12.48 -8.85 21.19
CA ILE B 176 -12.46 -7.89 20.10
C ILE B 176 -13.71 -8.24 19.31
N SER B 177 -14.50 -7.23 18.97
CA SER B 177 -15.74 -7.48 18.26
C SER B 177 -16.14 -6.28 17.41
N THR B 178 -17.31 -6.38 16.79
CA THR B 178 -17.81 -5.29 15.95
C THR B 178 -18.99 -4.66 16.69
N PRO B 179 -19.26 -3.38 16.43
CA PRO B 179 -20.39 -2.78 17.14
C PRO B 179 -21.74 -3.41 16.82
N PHE B 180 -21.90 -4.01 15.64
CA PHE B 180 -23.20 -4.63 15.35
C PHE B 180 -23.32 -5.99 16.03
N ALA B 181 -22.19 -6.60 16.38
CA ALA B 181 -22.20 -7.88 17.06
C ALA B 181 -22.58 -7.60 18.52
N VAL B 182 -22.12 -6.45 19.02
CA VAL B 182 -22.43 -6.04 20.38
C VAL B 182 -23.90 -5.66 20.48
N ASP B 183 -24.42 -4.95 19.47
CA ASP B 183 -25.83 -4.56 19.48
C ASP B 183 -26.70 -5.82 19.55
N PHE B 184 -26.31 -6.84 18.79
CA PHE B 184 -27.08 -8.08 18.78
C PHE B 184 -27.04 -8.78 20.14
N GLN B 185 -25.86 -8.83 20.74
CA GLN B 185 -25.68 -9.44 22.05
C GLN B 185 -26.58 -8.77 23.09
N ASN B 186 -26.60 -7.44 23.09
CA ASN B 186 -27.41 -6.69 24.05
C ASN B 186 -28.90 -6.88 23.84
N LYS B 187 -29.30 -7.06 22.59
CA LYS B 187 -30.69 -7.25 22.23
C LYS B 187 -31.18 -8.66 22.56
N THR B 188 -30.27 -9.62 22.63
CA THR B 188 -30.64 -11.01 22.88
C THR B 188 -30.16 -11.66 24.16
N SER B 189 -29.46 -10.92 25.02
CA SER B 189 -28.95 -11.51 26.25
C SER B 189 -28.94 -10.56 27.43
N THR B 190 -28.90 -11.13 28.63
CA THR B 190 -28.88 -10.34 29.85
C THR B 190 -27.46 -9.85 30.08
N ILE B 191 -26.51 -10.51 29.42
CA ILE B 191 -25.11 -10.13 29.56
C ILE B 191 -24.83 -9.02 28.56
N LYS B 192 -24.73 -7.79 29.09
CA LYS B 192 -24.51 -6.61 28.27
C LYS B 192 -23.04 -6.30 28.02
N GLU B 193 -22.72 -5.91 26.79
CA GLU B 193 -21.36 -5.59 26.39
C GLU B 193 -21.31 -4.17 25.79
N LYS B 194 -20.10 -3.65 25.59
CA LYS B 194 -19.92 -2.33 25.00
C LYS B 194 -18.54 -2.29 24.37
N THR B 195 -18.38 -1.49 23.32
CA THR B 195 -17.06 -1.36 22.70
C THR B 195 -16.43 -0.16 23.37
N VAL B 196 -15.10 -0.11 23.36
CA VAL B 196 -14.35 1.00 23.94
C VAL B 196 -13.14 1.27 23.06
N GLY B 197 -12.60 2.49 23.16
CA GLY B 197 -11.43 2.82 22.37
C GLY B 197 -11.69 3.05 20.89
N ASN B 198 -10.62 3.35 20.17
CA ASN B 198 -10.72 3.63 18.74
C ASN B 198 -10.80 2.34 17.92
N VAL B 199 -11.30 2.49 16.69
CA VAL B 199 -11.43 1.37 15.78
C VAL B 199 -10.04 0.83 15.49
N LEU B 200 -9.84 -0.46 15.77
CA LEU B 200 -8.55 -1.10 15.56
C LEU B 200 -8.33 -1.47 14.09
N SER B 201 -9.41 -1.85 13.43
CA SER B 201 -9.37 -2.21 12.02
C SER B 201 -10.68 -1.80 11.35
N ASN B 202 -10.62 -1.47 10.07
CA ASN B 202 -11.82 -1.05 9.36
C ASN B 202 -11.73 -1.42 7.89
N ALA B 203 -11.38 -2.67 7.62
CA ALA B 203 -11.23 -3.15 6.25
C ALA B 203 -12.52 -3.16 5.44
N LYS B 204 -12.38 -2.97 4.12
CA LYS B 204 -13.53 -2.97 3.21
C LYS B 204 -13.95 -4.42 2.98
N VAL B 205 -15.24 -4.65 2.75
CA VAL B 205 -15.72 -6.01 2.48
C VAL B 205 -16.25 -6.04 1.05
N TYR B 206 -16.07 -7.18 0.39
CA TYR B 206 -16.52 -7.36 -1.00
C TYR B 206 -17.12 -8.73 -1.25
N PHE B 207 -17.85 -8.84 -2.36
CA PHE B 207 -18.43 -10.11 -2.76
C PHE B 207 -17.31 -10.83 -3.51
N MSE B 208 -17.26 -12.15 -3.37
CA MSE B 208 -16.21 -12.91 -4.06
C MSE B 208 -16.78 -13.81 -5.14
O MSE B 208 -17.87 -14.38 -4.98
CB MSE B 208 -15.41 -13.71 -3.05
CG MSE B 208 -14.60 -12.83 -2.12
SE MSE B 208 -13.54 -13.79 -0.82
CE MSE B 208 -12.18 -14.52 -2.00
N PHE B 209 -16.07 -13.92 -6.25
CA PHE B 209 -16.51 -14.73 -7.38
C PHE B 209 -15.33 -15.52 -7.92
N ASN B 210 -15.55 -16.16 -9.06
CA ASN B 210 -14.51 -16.90 -9.74
C ASN B 210 -14.18 -16.01 -10.94
N LYS B 211 -12.96 -16.14 -11.47
CA LYS B 211 -12.56 -15.32 -12.61
C LYS B 211 -13.59 -15.32 -13.73
N ASN B 212 -14.38 -16.39 -13.81
CA ASN B 212 -15.40 -16.55 -14.84
C ASN B 212 -16.46 -15.45 -14.81
N GLU B 213 -17.04 -15.26 -13.63
CA GLU B 213 -18.11 -14.30 -13.41
C GLU B 213 -17.70 -12.82 -13.45
N GLN B 214 -16.85 -12.46 -14.40
CA GLN B 214 -16.42 -11.06 -14.50
C GLN B 214 -17.63 -10.21 -14.88
N THR B 215 -18.47 -10.74 -15.77
CA THR B 215 -19.66 -10.04 -16.22
C THR B 215 -20.63 -9.83 -15.05
N LEU B 216 -20.77 -10.87 -14.23
CA LEU B 216 -21.65 -10.83 -13.07
C LEU B 216 -21.16 -9.78 -12.08
N SER B 217 -19.89 -9.90 -11.70
CA SER B 217 -19.26 -8.97 -10.77
C SER B 217 -19.55 -7.54 -11.20
N ASP B 218 -19.33 -7.26 -12.49
CA ASP B 218 -19.55 -5.93 -13.04
C ASP B 218 -21.01 -5.49 -12.99
N ASP B 219 -21.93 -6.42 -13.22
CA ASP B 219 -23.35 -6.09 -13.18
C ASP B 219 -23.75 -5.76 -11.75
N ILE B 220 -23.16 -6.46 -10.79
CA ILE B 220 -23.45 -6.22 -9.39
C ILE B 220 -22.97 -4.82 -9.00
N ASP B 221 -21.75 -4.48 -9.42
CA ASP B 221 -21.21 -3.14 -9.11
C ASP B 221 -22.13 -2.06 -9.66
N LYS B 222 -22.73 -2.33 -10.82
CA LYS B 222 -23.63 -1.36 -11.43
C LYS B 222 -24.87 -1.17 -10.56
N ALA B 223 -25.39 -2.27 -10.03
CA ALA B 223 -26.57 -2.24 -9.18
C ALA B 223 -26.24 -1.59 -7.83
N LEU B 224 -25.10 -1.97 -7.27
CA LEU B 224 -24.66 -1.40 -5.99
C LEU B 224 -24.60 0.12 -6.09
N GLN B 225 -24.10 0.63 -7.21
CA GLN B 225 -24.02 2.07 -7.39
C GLN B 225 -25.43 2.64 -7.36
N GLU B 226 -26.37 1.92 -7.97
CA GLU B 226 -27.77 2.34 -7.99
C GLU B 226 -28.27 2.33 -6.54
N ILE B 227 -28.01 1.24 -5.86
CA ILE B 227 -28.44 1.06 -4.47
C ILE B 227 -27.84 2.14 -3.56
N ILE B 228 -26.65 2.60 -3.89
CA ILE B 228 -25.98 3.63 -3.12
C ILE B 228 -26.54 5.01 -3.45
N ASP B 229 -26.77 5.27 -4.74
CA ASP B 229 -27.28 6.56 -5.18
C ASP B 229 -28.65 6.95 -4.62
N ASP B 230 -29.61 6.04 -4.66
CA ASP B 230 -30.95 6.36 -4.14
C ASP B 230 -31.03 6.30 -2.62
N GLY B 231 -29.93 5.93 -1.98
CA GLY B 231 -29.90 5.87 -0.51
C GLY B 231 -30.37 4.57 0.12
N THR B 232 -30.53 3.52 -0.68
CA THR B 232 -30.98 2.24 -0.14
C THR B 232 -29.90 1.54 0.68
N LEU B 233 -28.64 1.62 0.24
CA LEU B 233 -27.56 0.98 0.98
C LEU B 233 -27.41 1.63 2.36
N LYS B 234 -27.52 2.94 2.40
CA LYS B 234 -27.40 3.68 3.65
C LYS B 234 -28.46 3.25 4.65
N ARG B 235 -29.71 3.13 4.20
CA ARG B 235 -30.78 2.73 5.10
C ARG B 235 -30.59 1.28 5.56
N LEU B 236 -30.17 0.43 4.64
CA LEU B 236 -29.94 -0.97 4.95
C LEU B 236 -28.80 -1.09 5.96
N SER B 237 -27.78 -0.26 5.78
CA SER B 237 -26.62 -0.26 6.66
C SER B 237 -26.95 0.25 8.06
N LEU B 238 -27.70 1.35 8.13
CA LEU B 238 -28.07 1.91 9.43
C LEU B 238 -28.94 0.92 10.21
N LYS B 239 -29.81 0.22 9.49
CA LYS B 239 -30.70 -0.74 10.12
C LYS B 239 -29.97 -1.96 10.72
N TRP B 240 -29.10 -2.58 9.93
CA TRP B 240 -28.39 -3.76 10.41
C TRP B 240 -27.10 -3.52 11.16
N LEU B 241 -26.33 -2.51 10.73
CA LEU B 241 -25.03 -2.24 11.34
C LEU B 241 -24.92 -1.02 12.26
N GLY B 242 -25.82 -0.06 12.10
CA GLY B 242 -25.73 1.14 12.92
C GLY B 242 -24.80 2.12 12.22
N ASP B 243 -23.89 2.75 12.97
CA ASP B 243 -22.96 3.70 12.37
C ASP B 243 -21.98 3.04 11.39
S SO4 C . 30.29 15.80 -7.01
O1 SO4 C . 29.33 16.54 -7.85
O2 SO4 C . 30.84 16.71 -5.99
O3 SO4 C . 29.61 14.67 -6.35
O4 SO4 C . 31.39 15.29 -7.85
S SO4 D . -1.24 18.60 -9.93
O1 SO4 D . -0.66 19.92 -9.62
O2 SO4 D . -1.29 18.40 -11.38
O3 SO4 D . -2.61 18.53 -9.38
O4 SO4 D . -0.40 17.55 -9.31
S SO4 E . 27.43 22.79 -12.45
O1 SO4 E . 26.49 21.65 -12.48
O2 SO4 E . 26.69 24.03 -12.14
O3 SO4 E . 28.46 22.56 -11.41
O4 SO4 E . 28.09 22.91 -13.77
S SO4 F . -2.62 -10.23 2.80
O1 SO4 F . -3.46 -9.88 3.96
O2 SO4 F . -1.21 -10.00 3.13
O3 SO4 F . -2.83 -11.64 2.44
O4 SO4 F . -3.00 -9.38 1.65
#